data_7E0Z
#
_entry.id   7E0Z
#
_cell.length_a   52.571
_cell.length_b   70.485
_cell.length_c   99.035
_cell.angle_alpha   90.000
_cell.angle_beta   90.000
_cell.angle_gamma   90.000
#
_symmetry.space_group_name_H-M   'P 2 21 21'
#
loop_
_entity.id
_entity.type
_entity.pdbx_description
1 polymer 'cAMP-dependent protein kinase catalytic subunit alpha'
2 polymer PLN
3 non-polymer 'PHOSPHOAMINOPHOSPHONIC ACID-ADENYLATE ESTER'
4 non-polymer 'MAGNESIUM ION'
5 water water
#
loop_
_entity_poly.entity_id
_entity_poly.type
_entity_poly.pdbx_seq_one_letter_code
_entity_poly.pdbx_strand_id
1 'polypeptide(L)'
;SNAMGNAAAAKKGSEQESVKEFLAKAKEDFLKKWETPSQNTAQLDQFDRIKTLGTGSFGRVMLVKHKESGNHYAMKILDK
QKVVKLKQIEHTLNEKRILQAVNFPFLVKLEFSFKDNSNLYMVMEYVAGGEMFSHLRRIGRFSEPHARFYAAQIVLTFEY
LHSLDLIYRDLKPENLLIDQQGYIQVTDFGFAKRVKGRTW(TPO)LCGTPEYLAPEIILSKGYNKAVDWWALGVLIYEMA
AGYPPFFADQPIQIYEKIVSGKVRFPSHFSSDLKDLLRNLLQVDLTKRFGNLKNGVNDIKNHKWFATTDWIAIYQRKVEA
PFIPKFKGPGDTSNFDDYEEEEIRV(SEP)INEKCGKEFTEFIGSG
;
A
2 'polypeptide(L)' TRSAIRRASTIE B
#
loop_
_chem_comp.id
_chem_comp.type
_chem_comp.name
_chem_comp.formula
ANP non-polymer 'PHOSPHOAMINOPHOSPHONIC ACID-ADENYLATE ESTER' 'C10 H17 N6 O12 P3'
MG non-polymer 'MAGNESIUM ION' 'Mg 2'
#
# COMPACT_ATOMS: atom_id res chain seq x y z
N GLU A 17 25.14 11.56 9.31
CA GLU A 17 23.89 12.14 8.79
C GLU A 17 22.73 11.88 9.75
N SER A 18 21.85 12.88 9.93
CA SER A 18 20.67 12.69 10.76
C SER A 18 19.79 11.55 10.24
N VAL A 19 19.57 11.52 8.93
CA VAL A 19 18.73 10.48 8.33
C VAL A 19 19.29 9.10 8.60
N LYS A 20 20.59 8.92 8.38
CA LYS A 20 21.22 7.60 8.53
C LYS A 20 21.09 7.09 9.96
N GLU A 21 21.35 7.96 10.95
CA GLU A 21 21.19 7.55 12.34
C GLU A 21 19.74 7.20 12.64
N PHE A 22 18.79 8.02 12.12
CA PHE A 22 17.37 7.72 12.29
C PHE A 22 17.04 6.32 11.76
N LEU A 23 17.44 6.04 10.51
CA LEU A 23 17.14 4.74 9.92
C LEU A 23 17.74 3.60 10.73
N ALA A 24 18.96 3.80 11.24
CA ALA A 24 19.63 2.74 12.00
C ALA A 24 18.87 2.42 13.27
N LYS A 25 18.36 3.44 13.97
CA LYS A 25 17.51 3.18 15.13
C LYS A 25 16.19 2.53 14.72
N ALA A 26 15.59 2.97 13.60
CA ALA A 26 14.37 2.34 13.10
C ALA A 26 14.58 0.85 12.86
N LYS A 27 15.74 0.47 12.30
CA LYS A 27 16.05 -0.94 12.07
C LYS A 27 16.10 -1.70 13.38
N GLU A 28 16.74 -1.12 14.41
CA GLU A 28 16.82 -1.78 15.71
C GLU A 28 15.43 -2.05 16.28
N ASP A 29 14.58 -1.02 16.32
CA ASP A 29 13.20 -1.19 16.73
C ASP A 29 12.51 -2.31 15.96
N PHE A 30 12.70 -2.32 14.63
CA PHE A 30 12.00 -3.27 13.79
C PHE A 30 12.45 -4.70 14.09
N LEU A 31 13.77 -4.95 14.13
CA LEU A 31 14.23 -6.33 14.31
C LEU A 31 13.76 -6.91 15.64
N LYS A 32 13.63 -6.05 16.67
CA LYS A 32 13.07 -6.49 17.94
C LYS A 32 11.64 -6.99 17.77
N LYS A 33 10.77 -6.18 17.18
CA LYS A 33 9.39 -6.62 17.02
C LYS A 33 9.28 -7.74 15.99
N TRP A 34 10.23 -7.80 15.06
CA TRP A 34 10.22 -8.86 14.04
C TRP A 34 10.32 -10.23 14.68
N GLU A 35 10.99 -10.33 15.82
CA GLU A 35 11.10 -11.56 16.58
C GLU A 35 10.10 -11.64 17.74
N THR A 36 9.15 -10.70 17.82
CA THR A 36 8.07 -10.75 18.79
C THR A 36 7.01 -11.77 18.41
N PRO A 37 6.75 -12.06 17.11
CA PRO A 37 5.86 -13.19 16.77
C PRO A 37 6.11 -14.49 17.57
N GLN A 39 0.63 -13.09 19.43
CA GLN A 39 -0.23 -14.18 18.94
C GLN A 39 -1.61 -14.15 19.58
N ASN A 40 -2.65 -14.09 18.76
CA ASN A 40 -4.03 -14.13 19.23
C ASN A 40 -4.28 -13.07 20.32
N THR A 41 -4.23 -11.81 19.91
CA THR A 41 -4.37 -10.72 20.88
C THR A 41 -5.81 -10.22 21.01
N ALA A 42 -6.76 -10.85 20.31
CA ALA A 42 -8.19 -10.55 20.41
C ALA A 42 -8.94 -11.78 19.89
N GLN A 43 -10.26 -11.69 19.88
CA GLN A 43 -11.11 -12.75 19.32
C GLN A 43 -12.32 -12.12 18.64
N LEU A 44 -12.88 -12.84 17.66
CA LEU A 44 -13.96 -12.29 16.84
C LEU A 44 -15.14 -11.84 17.68
N ASP A 45 -15.48 -12.62 18.72
CA ASP A 45 -16.49 -12.35 19.75
C ASP A 45 -16.55 -10.93 20.25
N GLN A 46 -15.43 -10.23 20.20
CA GLN A 46 -15.31 -8.96 20.90
C GLN A 46 -15.74 -7.79 20.04
N PHE A 47 -16.05 -8.01 18.75
CA PHE A 47 -16.31 -6.93 17.80
C PHE A 47 -17.70 -7.09 17.18
N ASP A 48 -18.47 -6.00 17.19
CA ASP A 48 -19.59 -5.87 16.26
C ASP A 48 -19.05 -5.61 14.84
N ARG A 49 -19.45 -6.44 13.88
CA ARG A 49 -19.15 -6.18 12.48
C ARG A 49 -20.22 -5.26 11.91
N ILE A 50 -19.82 -4.11 11.38
CA ILE A 50 -20.73 -3.04 11.04
C ILE A 50 -20.93 -2.90 9.53
N LYS A 51 -19.84 -2.87 8.75
CA LYS A 51 -19.99 -2.56 7.34
C LYS A 51 -18.74 -3.01 6.60
N THR A 52 -18.92 -3.47 5.37
CA THR A 52 -17.77 -3.79 4.53
C THR A 52 -17.17 -2.53 3.93
N LEU A 53 -15.86 -2.38 4.08
CA LEU A 53 -15.15 -1.22 3.54
C LEU A 53 -14.54 -1.50 2.20
N GLY A 54 -14.28 -2.76 1.90
CA GLY A 54 -13.60 -3.17 0.70
C GLY A 54 -13.59 -4.67 0.66
N THR A 55 -13.69 -5.25 -0.53
CA THR A 55 -13.65 -6.68 -0.71
C THR A 55 -12.43 -7.03 -1.55
N GLY A 56 -11.88 -8.20 -1.30
CA GLY A 56 -10.74 -8.67 -2.06
C GLY A 56 -10.89 -10.12 -2.44
N SER A 57 -9.83 -10.70 -3.02
CA SER A 57 -9.94 -12.05 -3.55
C SER A 57 -10.03 -13.09 -2.46
N PHE A 58 -9.41 -12.82 -1.31
CA PHE A 58 -9.36 -13.78 -0.21
C PHE A 58 -10.26 -13.40 0.96
N GLY A 59 -10.91 -12.24 0.91
CA GLY A 59 -11.88 -11.88 1.92
C GLY A 59 -12.36 -10.45 1.82
N ARG A 60 -12.47 -9.78 2.96
CA ARG A 60 -12.94 -8.40 2.98
C ARG A 60 -12.35 -7.67 4.18
N VAL A 61 -12.41 -6.35 4.13
CA VAL A 61 -12.12 -5.50 5.26
C VAL A 61 -13.44 -4.89 5.72
N MET A 62 -13.70 -4.95 7.03
CA MET A 62 -14.95 -4.44 7.57
C MET A 62 -14.65 -3.39 8.62
N LEU A 63 -15.50 -2.37 8.67
CA LEU A 63 -15.60 -1.57 9.86
C LEU A 63 -16.16 -2.42 10.99
N VAL A 64 -15.46 -2.44 12.11
CA VAL A 64 -15.95 -3.11 13.31
C VAL A 64 -15.86 -2.13 14.48
N LYS A 65 -16.52 -2.52 15.57
CA LYS A 65 -16.52 -1.77 16.81
C LYS A 65 -16.25 -2.74 17.94
N HIS A 66 -15.22 -2.45 18.74
CA HIS A 66 -14.98 -3.17 20.00
C HIS A 66 -16.16 -2.92 20.94
N LYS A 67 -16.89 -3.99 21.29
CA LYS A 67 -18.16 -3.79 21.98
C LYS A 67 -17.98 -3.16 23.36
N GLU A 68 -16.88 -3.46 24.05
CA GLU A 68 -16.75 -3.02 25.44
C GLU A 68 -16.12 -1.65 25.58
N SER A 69 -15.08 -1.35 24.79
CA SER A 69 -14.45 -0.03 24.79
C SER A 69 -15.16 0.97 23.88
N GLY A 70 -15.79 0.51 22.80
CA GLY A 70 -16.44 1.40 21.87
C GLY A 70 -15.56 1.92 20.75
N ASN A 71 -14.30 1.51 20.70
CA ASN A 71 -13.42 1.94 19.63
C ASN A 71 -13.74 1.21 18.33
N HIS A 72 -13.59 1.92 17.23
CA HIS A 72 -13.76 1.36 15.89
C HIS A 72 -12.41 0.98 15.29
N TYR A 73 -12.45 -0.07 14.47
CA TYR A 73 -11.27 -0.59 13.81
C TYR A 73 -11.66 -1.08 12.41
N ALA A 74 -10.66 -1.39 11.59
CA ALA A 74 -10.86 -2.01 10.28
C ALA A 74 -10.27 -3.42 10.35
N MET A 75 -11.12 -4.44 10.20
CA MET A 75 -10.71 -5.84 10.35
C MET A 75 -10.63 -6.48 8.97
N LYS A 76 -9.41 -6.84 8.57
CA LYS A 76 -9.23 -7.66 7.38
C LYS A 76 -9.46 -9.13 7.74
N ILE A 77 -10.33 -9.78 6.98
CA ILE A 77 -10.64 -11.20 7.16
C ILE A 77 -10.07 -11.96 5.96
N LEU A 78 -9.25 -12.96 6.25
CA LEU A 78 -8.65 -13.83 5.23
C LEU A 78 -9.13 -15.26 5.45
N ASP A 79 -9.60 -15.89 4.38
CA ASP A 79 -10.10 -17.27 4.45
C ASP A 79 -8.93 -18.23 4.30
N LYS A 80 -8.67 -19.02 5.34
CA LYS A 80 -7.44 -19.82 5.39
C LYS A 80 -7.40 -20.83 4.24
N GLN A 81 -8.55 -21.45 3.93
CA GLN A 81 -8.59 -22.48 2.89
C GLN A 81 -8.24 -21.91 1.52
N LYS A 82 -8.89 -20.80 1.13
CA LYS A 82 -8.57 -20.21 -0.17
C LYS A 82 -7.14 -19.69 -0.20
N VAL A 83 -6.62 -19.25 0.94
CA VAL A 83 -5.21 -18.84 1.03
C VAL A 83 -4.31 -20.03 0.75
N VAL A 84 -4.61 -21.18 1.34
CA VAL A 84 -3.80 -22.37 1.10
C VAL A 84 -3.94 -22.81 -0.35
N LYS A 85 -5.17 -22.85 -0.86
CA LYS A 85 -5.40 -23.28 -2.23
C LYS A 85 -4.58 -22.46 -3.22
N LEU A 86 -4.40 -21.16 -2.96
CA LEU A 86 -3.79 -20.26 -3.93
C LEU A 86 -2.30 -20.00 -3.66
N LYS A 87 -1.67 -20.83 -2.81
CA LYS A 87 -0.23 -20.76 -2.53
C LYS A 87 0.17 -19.41 -1.92
N GLN A 88 -0.64 -18.90 -0.99
CA GLN A 88 -0.47 -17.58 -0.40
C GLN A 88 -0.12 -17.62 1.09
N ILE A 89 0.30 -18.78 1.60
CA ILE A 89 0.53 -18.91 3.04
C ILE A 89 1.66 -17.97 3.49
N GLU A 90 2.81 -18.04 2.82
CA GLU A 90 3.95 -17.20 3.22
C GLU A 90 3.64 -15.73 3.02
N HIS A 91 2.89 -15.39 1.97
CA HIS A 91 2.50 -13.99 1.79
C HIS A 91 1.67 -13.51 2.98
N THR A 92 0.72 -14.34 3.41
CA THR A 92 -0.18 -13.97 4.50
C THR A 92 0.57 -13.87 5.83
N LEU A 93 1.49 -14.79 6.07
CA LEU A 93 2.32 -14.68 7.26
C LEU A 93 3.22 -13.44 7.18
N ASN A 94 3.78 -13.15 5.99
CA ASN A 94 4.57 -11.93 5.79
C ASN A 94 3.74 -10.69 6.13
N GLU A 95 2.53 -10.62 5.56
CA GLU A 95 1.68 -9.45 5.72
C GLU A 95 1.51 -9.09 7.18
N LYS A 96 1.10 -10.07 8.00
CA LYS A 96 0.82 -9.77 9.40
C LYS A 96 2.10 -9.50 10.18
N ARG A 97 3.17 -10.26 9.91
CA ARG A 97 4.42 -10.10 10.67
C ARG A 97 5.06 -8.74 10.40
N ILE A 98 5.02 -8.29 9.14
CA ILE A 98 5.59 -7.00 8.79
C ILE A 98 4.74 -5.87 9.36
N LEU A 99 3.42 -6.00 9.28
CA LEU A 99 2.56 -4.92 9.75
C LEU A 99 2.70 -4.69 11.25
N GLN A 100 3.00 -5.75 12.02
CA GLN A 100 3.11 -5.57 13.46
C GLN A 100 4.46 -4.99 13.86
N ALA A 101 5.49 -5.23 13.05
CA ALA A 101 6.84 -4.80 13.40
C ALA A 101 7.23 -3.42 12.84
N VAL A 102 6.60 -2.95 11.75
CA VAL A 102 6.96 -1.62 11.23
C VAL A 102 6.42 -0.54 12.15
N ASN A 103 6.94 0.66 12.01
CA ASN A 103 6.46 1.80 12.78
C ASN A 103 6.89 3.07 12.03
N PHE A 104 5.92 3.80 11.50
CA PHE A 104 6.22 4.96 10.66
C PHE A 104 4.95 5.78 10.53
N PRO A 105 5.06 7.11 10.40
CA PRO A 105 3.84 7.95 10.47
C PRO A 105 2.84 7.73 9.34
N PHE A 106 3.24 7.07 8.25
CA PHE A 106 2.38 6.87 7.10
C PHE A 106 2.06 5.39 6.85
N LEU A 107 2.31 4.54 7.85
CA LEU A 107 1.98 3.13 7.82
C LEU A 107 0.86 2.85 8.81
N VAL A 108 -0.21 2.20 8.35
CA VAL A 108 -1.35 1.94 9.23
C VAL A 108 -0.92 1.08 10.42
N LYS A 109 -1.50 1.38 11.57
CA LYS A 109 -1.23 0.62 12.79
C LYS A 109 -2.06 -0.67 12.83
N LEU A 110 -1.43 -1.74 13.32
CA LEU A 110 -2.12 -3.00 13.61
C LEU A 110 -2.38 -3.04 15.11
N GLU A 111 -3.64 -3.12 15.50
CA GLU A 111 -4.01 -3.09 16.89
C GLU A 111 -4.26 -4.48 17.47
N PHE A 112 -4.73 -5.41 16.65
CA PHE A 112 -4.97 -6.79 17.08
C PHE A 112 -4.79 -7.70 15.89
N SER A 113 -4.54 -8.97 16.16
CA SER A 113 -4.61 -9.99 15.12
C SER A 113 -4.90 -11.32 15.80
N PHE A 114 -5.59 -12.20 15.09
CA PHE A 114 -5.96 -13.51 15.63
C PHE A 114 -6.44 -14.39 14.49
N LYS A 115 -6.75 -15.65 14.84
CA LYS A 115 -7.19 -16.64 13.86
C LYS A 115 -8.25 -17.53 14.51
N ASP A 116 -9.10 -18.12 13.67
CA ASP A 116 -10.09 -19.05 14.17
C ASP A 116 -10.09 -20.28 13.25
N ASN A 117 -11.18 -21.04 13.30
CA ASN A 117 -11.28 -22.29 12.54
C ASN A 117 -11.20 -22.05 11.04
N SER A 118 -11.75 -20.92 10.57
CA SER A 118 -11.83 -20.64 9.14
C SER A 118 -10.97 -19.48 8.67
N ASN A 119 -10.70 -18.48 9.51
CA ASN A 119 -10.18 -17.22 9.00
C ASN A 119 -8.99 -16.72 9.82
N LEU A 120 -8.18 -15.89 9.16
CA LEU A 120 -7.21 -15.02 9.78
C LEU A 120 -7.78 -13.61 9.86
N TYR A 121 -7.41 -12.90 10.91
CA TYR A 121 -7.96 -11.58 11.19
C TYR A 121 -6.85 -10.62 11.54
N MET A 122 -6.79 -9.48 10.85
CA MET A 122 -5.89 -8.39 11.17
C MET A 122 -6.73 -7.15 11.44
N VAL A 123 -6.71 -6.69 12.68
CA VAL A 123 -7.54 -5.56 13.10
C VAL A 123 -6.66 -4.32 13.12
N MET A 124 -6.90 -3.42 12.18
CA MET A 124 -6.13 -2.20 12.01
C MET A 124 -6.84 -1.01 12.63
N GLU A 125 -6.09 0.07 12.82
CA GLU A 125 -6.73 1.36 13.05
C GLU A 125 -7.61 1.69 11.83
N TYR A 126 -8.81 2.21 12.09
CA TYR A 126 -9.72 2.61 11.02
C TYR A 126 -9.31 3.98 10.47
N VAL A 127 -8.95 4.03 9.19
CA VAL A 127 -8.64 5.29 8.51
C VAL A 127 -9.89 5.74 7.77
N ALA A 128 -10.64 6.66 8.37
CA ALA A 128 -11.99 6.92 7.91
C ALA A 128 -12.06 7.75 6.63
N GLY A 129 -10.94 8.33 6.19
CA GLY A 129 -10.94 9.23 5.05
C GLY A 129 -11.25 8.59 3.72
N GLY A 130 -11.10 7.27 3.60
CA GLY A 130 -11.37 6.58 2.35
C GLY A 130 -10.12 6.36 1.53
N GLU A 131 -10.30 5.67 0.40
CA GLU A 131 -9.19 5.38 -0.50
C GLU A 131 -8.75 6.65 -1.24
N MET A 132 -7.45 6.78 -1.48
CA MET A 132 -7.04 7.86 -2.37
C MET A 132 -7.74 7.72 -3.72
N PHE A 133 -7.98 6.47 -4.15
CA PHE A 133 -8.60 6.16 -5.43
C PHE A 133 -9.94 6.86 -5.62
N SER A 134 -10.81 6.86 -4.59
CA SER A 134 -12.15 7.42 -4.80
C SER A 134 -12.12 8.95 -4.89
N HIS A 135 -11.29 9.60 -4.08
CA HIS A 135 -11.16 11.05 -4.20
C HIS A 135 -10.53 11.44 -5.52
N LEU A 136 -9.57 10.64 -5.99
CA LEU A 136 -8.91 10.89 -7.26
C LEU A 136 -9.90 10.78 -8.43
N ARG A 137 -10.69 9.69 -8.47
CA ARG A 137 -11.69 9.54 -9.53
C ARG A 137 -12.75 10.64 -9.46
N ARG A 138 -13.17 11.02 -8.25
CA ARG A 138 -14.16 12.09 -8.13
C ARG A 138 -13.59 13.43 -8.55
N ILE A 139 -12.43 13.82 -8.00
CA ILE A 139 -11.85 15.11 -8.39
C ILE A 139 -11.38 15.08 -9.84
N GLY A 140 -10.95 13.92 -10.33
CA GLY A 140 -10.48 13.83 -11.70
C GLY A 140 -8.99 13.68 -11.75
N ARG A 141 -8.27 14.68 -11.24
CA ARG A 141 -6.84 14.59 -11.09
C ARG A 141 -6.39 15.58 -10.03
N PHE A 142 -5.27 15.29 -9.38
CA PHE A 142 -4.71 16.20 -8.39
C PHE A 142 -3.77 17.18 -9.08
N SER A 143 -3.73 18.40 -8.54
CA SER A 143 -2.71 19.35 -9.00
C SER A 143 -1.32 18.81 -8.66
N GLU A 144 -0.30 19.39 -9.30
CA GLU A 144 1.06 18.92 -9.00
C GLU A 144 1.45 19.15 -7.54
N PRO A 145 1.18 20.30 -6.90
CA PRO A 145 1.48 20.40 -5.46
C PRO A 145 0.72 19.36 -4.61
N HIS A 146 -0.56 19.16 -4.92
CA HIS A 146 -1.37 18.14 -4.25
C HIS A 146 -0.75 16.75 -4.44
N ALA A 147 -0.48 16.38 -5.70
CA ALA A 147 0.20 15.13 -5.97
C ALA A 147 1.53 15.05 -5.24
N ARG A 148 2.31 16.14 -5.29
CA ARG A 148 3.63 16.14 -4.66
C ARG A 148 3.54 15.90 -3.15
N PHE A 149 2.46 16.36 -2.51
CA PHE A 149 2.28 16.20 -1.07
C PHE A 149 2.13 14.72 -0.70
N TYR A 150 1.29 14.00 -1.45
CA TYR A 150 1.15 12.56 -1.25
C TYR A 150 2.42 11.82 -1.61
N ALA A 151 3.09 12.23 -2.70
CA ALA A 151 4.27 11.52 -3.17
C ALA A 151 5.41 11.61 -2.16
N ALA A 152 5.66 12.81 -1.64
CA ALA A 152 6.69 13.00 -0.63
C ALA A 152 6.56 11.97 0.48
N GLN A 153 5.34 11.77 0.99
CA GLN A 153 5.10 10.78 2.04
C GLN A 153 5.46 9.36 1.58
N ILE A 154 5.18 9.05 0.31
CA ILE A 154 5.52 7.73 -0.21
C ILE A 154 7.02 7.56 -0.31
N VAL A 155 7.73 8.61 -0.74
CA VAL A 155 9.18 8.55 -0.85
C VAL A 155 9.82 8.26 0.51
N LEU A 156 9.39 8.97 1.55
CA LEU A 156 9.91 8.72 2.90
C LEU A 156 9.53 7.33 3.40
N THR A 157 8.34 6.85 3.05
CA THR A 157 7.93 5.53 3.51
C THR A 157 8.78 4.44 2.87
N PHE A 158 9.00 4.53 1.55
CA PHE A 158 9.85 3.56 0.86
C PHE A 158 11.30 3.63 1.36
N GLU A 159 11.81 4.84 1.63
CA GLU A 159 13.16 4.93 2.19
C GLU A 159 13.24 4.16 3.51
N TYR A 160 12.19 4.23 4.31
CA TYR A 160 12.15 3.55 5.60
C TYR A 160 12.02 2.04 5.43
N LEU A 161 11.02 1.58 4.66
CA LEU A 161 10.85 0.13 4.45
C LEU A 161 12.07 -0.47 3.77
N HIS A 162 12.55 0.17 2.71
CA HIS A 162 13.73 -0.32 2.01
C HIS A 162 14.96 -0.37 2.93
N SER A 163 15.03 0.54 3.91
CA SER A 163 16.13 0.53 4.87
C SER A 163 16.12 -0.72 5.74
N LEU A 164 14.94 -1.28 6.01
CA LEU A 164 14.80 -2.53 6.77
C LEU A 164 14.79 -3.75 5.86
N ASP A 165 15.21 -3.59 4.61
CA ASP A 165 15.20 -4.68 3.63
C ASP A 165 13.78 -5.16 3.31
N LEU A 166 12.79 -4.28 3.46
CA LEU A 166 11.40 -4.61 3.12
C LEU A 166 11.06 -4.06 1.74
N ILE A 167 10.45 -4.89 0.89
CA ILE A 167 9.82 -4.44 -0.34
C ILE A 167 8.31 -4.49 -0.15
N TYR A 168 7.60 -3.52 -0.74
CA TYR A 168 6.17 -3.35 -0.50
C TYR A 168 5.31 -4.00 -1.56
N ARG A 169 5.50 -3.66 -2.82
CA ARG A 169 5.06 -4.42 -3.99
C ARG A 169 3.58 -4.30 -4.33
N ASP A 170 2.84 -3.34 -3.78
CA ASP A 170 1.49 -3.15 -4.31
C ASP A 170 1.03 -1.71 -4.14
N LEU A 171 1.90 -0.76 -4.44
CA LEU A 171 1.52 0.65 -4.39
C LEU A 171 0.49 0.96 -5.49
N LYS A 172 -0.62 1.58 -5.08
CA LYS A 172 -1.69 2.03 -5.97
C LYS A 172 -2.67 2.86 -5.14
N PRO A 173 -3.47 3.71 -5.79
CA PRO A 173 -4.38 4.57 -5.02
C PRO A 173 -5.33 3.80 -4.11
N GLU A 174 -5.77 2.60 -4.50
CA GLU A 174 -6.72 1.83 -3.69
C GLU A 174 -6.12 1.40 -2.35
N ASN A 175 -4.80 1.30 -2.25
CA ASN A 175 -4.13 0.88 -1.03
C ASN A 175 -3.65 2.06 -0.18
N LEU A 176 -3.93 3.28 -0.59
CA LEU A 176 -3.52 4.46 0.16
C LEU A 176 -4.75 5.12 0.74
N LEU A 177 -4.83 5.17 2.06
CA LEU A 177 -5.97 5.75 2.73
C LEU A 177 -5.61 7.15 3.21
N ILE A 178 -6.62 8.02 3.26
CA ILE A 178 -6.44 9.40 3.72
C ILE A 178 -6.95 9.51 5.14
N ASP A 179 -6.13 10.02 6.06
CA ASP A 179 -6.58 10.09 7.44
C ASP A 179 -7.26 11.44 7.73
N GLN A 180 -7.61 11.64 9.00
CA GLN A 180 -8.36 12.82 9.43
C GLN A 180 -7.55 14.11 9.26
N GLN A 181 -6.22 14.04 9.14
CA GLN A 181 -5.43 15.23 8.83
C GLN A 181 -5.11 15.34 7.34
N GLY A 182 -5.59 14.43 6.51
CA GLY A 182 -5.30 14.48 5.09
C GLY A 182 -3.99 13.84 4.68
N TYR A 183 -3.29 13.20 5.61
CA TYR A 183 -2.07 12.48 5.30
C TYR A 183 -2.40 11.04 4.90
N ILE A 184 -1.40 10.34 4.39
CA ILE A 184 -1.56 9.02 3.83
C ILE A 184 -1.36 7.96 4.90
N GLN A 185 -2.17 6.90 4.83
CA GLN A 185 -1.95 5.70 5.61
C GLN A 185 -1.89 4.52 4.64
N VAL A 186 -0.69 3.96 4.46
CA VAL A 186 -0.51 2.81 3.60
C VAL A 186 -1.08 1.57 4.27
N THR A 187 -1.98 0.88 3.57
CA THR A 187 -2.55 -0.38 4.03
C THR A 187 -2.21 -1.48 3.01
N ASP A 188 -2.75 -2.68 3.23
CA ASP A 188 -2.56 -3.81 2.31
C ASP A 188 -1.08 -4.16 2.16
N PHE A 189 -0.55 -4.90 3.14
CA PHE A 189 0.80 -5.40 3.10
C PHE A 189 0.89 -6.82 2.55
N GLY A 190 -0.09 -7.22 1.72
CA GLY A 190 -0.22 -8.60 1.33
C GLY A 190 1.01 -9.15 0.62
N PHE A 191 1.71 -8.30 -0.12
CA PHE A 191 2.89 -8.71 -0.86
C PHE A 191 4.17 -8.19 -0.25
N ALA A 192 4.10 -7.52 0.90
CA ALA A 192 5.33 -7.06 1.54
C ALA A 192 6.20 -8.25 1.90
N LYS A 193 7.52 -8.08 1.77
CA LYS A 193 8.42 -9.18 2.05
C LYS A 193 9.78 -8.63 2.44
N ARG A 194 10.39 -9.26 3.44
CA ARG A 194 11.76 -8.96 3.80
C ARG A 194 12.69 -9.59 2.78
N VAL A 195 13.40 -8.75 2.03
CA VAL A 195 14.18 -9.20 0.87
C VAL A 195 15.52 -8.49 0.88
N LYS A 196 16.60 -9.26 1.02
CA LYS A 196 17.93 -8.78 0.63
C LYS A 196 18.33 -9.54 -0.62
N GLY A 197 18.57 -8.81 -1.70
CA GLY A 197 18.84 -9.43 -2.99
C GLY A 197 17.63 -9.47 -3.90
N ARG A 198 17.54 -10.48 -4.75
CA ARG A 198 16.47 -10.62 -5.71
C ARG A 198 15.34 -11.46 -5.14
N THR A 199 14.14 -11.23 -5.65
CA THR A 199 12.99 -12.08 -5.39
C THR A 199 12.27 -12.27 -6.72
N TRP A 200 11.34 -13.23 -6.75
CA TRP A 200 10.82 -13.70 -8.03
C TRP A 200 9.30 -13.79 -8.17
N TPO A 201 8.54 -13.59 -7.08
CA TPO A 201 7.09 -13.80 -7.15
CB TPO A 201 6.50 -13.76 -5.75
CG2 TPO A 201 5.01 -14.12 -5.83
OG1 TPO A 201 7.18 -14.70 -4.91
P TPO A 201 7.89 -13.87 -3.72
O1P TPO A 201 6.75 -13.41 -2.71
O2P TPO A 201 8.61 -12.72 -4.35
O3P TPO A 201 9.00 -14.72 -2.94
C TPO A 201 6.37 -12.81 -8.06
O TPO A 201 6.56 -11.59 -7.97
N LEU A 202 5.55 -13.35 -8.95
CA LEU A 202 4.67 -12.55 -9.78
C LEU A 202 3.56 -12.03 -8.89
N CYS A 203 3.62 -10.75 -8.52
CA CYS A 203 2.56 -10.19 -7.71
C CYS A 203 2.59 -8.68 -7.83
N GLY A 204 1.47 -8.07 -7.44
CA GLY A 204 1.28 -6.64 -7.54
C GLY A 204 -0.05 -6.37 -8.19
N THR A 205 -0.16 -5.26 -8.91
CA THR A 205 -1.39 -4.90 -9.60
C THR A 205 -1.02 -4.54 -11.02
N PRO A 206 -1.71 -5.10 -12.03
CA PRO A 206 -1.22 -5.00 -13.43
C PRO A 206 -0.73 -3.62 -13.87
N GLU A 207 -1.52 -2.57 -13.69
CA GLU A 207 -1.12 -1.26 -14.20
C GLU A 207 0.15 -0.74 -13.53
N TYR A 208 0.58 -1.36 -12.42
CA TYR A 208 1.69 -0.83 -11.63
C TYR A 208 2.91 -1.74 -11.62
N LEU A 209 2.87 -2.87 -12.31
CA LEU A 209 3.99 -3.81 -12.24
C LEU A 209 5.20 -3.27 -13.01
N ALA A 210 6.38 -3.40 -12.40
CA ALA A 210 7.59 -3.04 -13.09
C ALA A 210 7.89 -4.04 -14.21
N PRO A 211 8.56 -3.60 -15.28
CA PRO A 211 8.88 -4.54 -16.37
C PRO A 211 9.64 -5.78 -15.94
N GLU A 212 10.61 -5.63 -15.04
CA GLU A 212 11.37 -6.78 -14.56
C GLU A 212 10.48 -7.82 -13.89
N ILE A 213 9.32 -7.41 -13.36
CA ILE A 213 8.40 -8.40 -12.83
C ILE A 213 7.74 -9.15 -13.97
N ILE A 214 7.24 -8.42 -14.96
CA ILE A 214 6.58 -9.03 -16.11
C ILE A 214 7.53 -9.98 -16.83
N LEU A 215 8.79 -9.58 -17.00
CA LEU A 215 9.71 -10.39 -17.77
C LEU A 215 10.31 -11.55 -16.97
N SER A 216 9.92 -11.71 -15.70
CA SER A 216 10.39 -12.81 -14.85
C SER A 216 11.91 -12.81 -14.73
N LYS A 217 12.49 -11.65 -14.47
CA LYS A 217 13.94 -11.50 -14.42
C LYS A 217 14.51 -11.53 -13.00
N GLY A 218 13.66 -11.61 -11.97
CA GLY A 218 14.13 -11.46 -10.62
C GLY A 218 14.39 -10.00 -10.33
N TYR A 219 13.89 -9.49 -9.20
CA TYR A 219 13.88 -8.05 -8.99
C TYR A 219 14.11 -7.72 -7.53
N ASN A 220 14.19 -6.42 -7.25
CA ASN A 220 14.48 -5.95 -5.91
C ASN A 220 13.63 -4.72 -5.64
N LYS A 221 14.05 -3.93 -4.66
CA LYS A 221 13.28 -2.77 -4.19
C LYS A 221 13.02 -1.76 -5.30
N ALA A 222 13.76 -1.83 -6.41
CA ALA A 222 13.55 -0.90 -7.51
C ALA A 222 12.14 -0.96 -8.08
N VAL A 223 11.43 -2.07 -7.89
CA VAL A 223 10.07 -2.17 -8.41
C VAL A 223 9.13 -1.23 -7.65
N ASP A 224 9.45 -0.90 -6.39
CA ASP A 224 8.67 0.09 -5.66
C ASP A 224 8.87 1.49 -6.22
N TRP A 225 10.08 1.82 -6.69
CA TRP A 225 10.29 3.14 -7.25
C TRP A 225 9.61 3.29 -8.61
N TRP A 226 9.56 2.20 -9.40
CA TRP A 226 8.73 2.19 -10.61
C TRP A 226 7.27 2.47 -10.27
N ALA A 227 6.73 1.76 -9.29
CA ALA A 227 5.33 1.96 -8.93
C ALA A 227 5.07 3.40 -8.50
N LEU A 228 6.02 4.01 -7.82
CA LEU A 228 5.87 5.41 -7.46
C LEU A 228 5.69 6.28 -8.70
N GLY A 229 6.42 5.97 -9.78
CA GLY A 229 6.28 6.74 -11.00
C GLY A 229 4.91 6.59 -11.63
N VAL A 230 4.34 5.37 -11.60
CA VAL A 230 2.97 5.19 -12.06
C VAL A 230 2.01 5.95 -11.17
N LEU A 231 2.22 5.87 -9.86
CA LEU A 231 1.35 6.58 -8.93
C LEU A 231 1.36 8.09 -9.20
N ILE A 232 2.55 8.69 -9.28
CA ILE A 232 2.62 10.12 -9.54
C ILE A 232 1.95 10.46 -10.86
N TYR A 233 2.21 9.66 -11.90
CA TYR A 233 1.59 9.90 -13.19
C TYR A 233 0.07 9.85 -13.07
N GLU A 234 -0.47 8.85 -12.36
CA GLU A 234 -1.93 8.72 -12.27
C GLU A 234 -2.55 9.84 -11.43
N MET A 235 -1.89 10.20 -10.32
CA MET A 235 -2.38 11.28 -9.49
C MET A 235 -2.48 12.58 -10.29
N ALA A 236 -1.46 12.85 -11.10
CA ALA A 236 -1.36 14.12 -11.80
C ALA A 236 -2.17 14.12 -13.09
N ALA A 237 -2.29 12.97 -13.76
CA ALA A 237 -3.02 12.92 -15.03
C ALA A 237 -4.47 12.51 -14.88
N GLY A 238 -4.79 11.70 -13.87
CA GLY A 238 -6.13 11.18 -13.69
C GLY A 238 -6.29 9.76 -14.18
N TYR A 239 -5.27 9.23 -14.83
CA TYR A 239 -5.24 7.88 -15.36
C TYR A 239 -3.78 7.43 -15.37
N PRO A 240 -3.52 6.13 -15.31
CA PRO A 240 -2.14 5.64 -15.27
C PRO A 240 -1.51 5.70 -16.65
N PRO A 241 -0.18 5.60 -16.74
CA PRO A 241 0.48 5.72 -18.06
C PRO A 241 0.33 4.49 -18.95
N PHE A 242 0.03 3.32 -18.38
CA PHE A 242 -0.09 2.08 -19.15
C PHE A 242 -1.40 1.42 -18.77
N PHE A 243 -2.40 1.48 -19.66
CA PHE A 243 -3.63 0.75 -19.42
C PHE A 243 -4.26 0.37 -20.74
N ALA A 244 -4.96 -0.75 -20.75
CA ALA A 244 -5.64 -1.25 -21.94
C ALA A 244 -6.69 -2.26 -21.51
N ASP A 245 -7.45 -2.75 -22.49
CA ASP A 245 -8.58 -3.64 -22.20
C ASP A 245 -8.10 -4.95 -21.59
N GLN A 246 -7.07 -5.56 -22.19
CA GLN A 246 -6.55 -6.86 -21.79
C GLN A 246 -5.16 -6.72 -21.17
N PRO A 247 -4.91 -7.35 -20.02
CA PRO A 247 -3.62 -7.15 -19.33
C PRO A 247 -2.41 -7.47 -20.20
N ILE A 248 -2.55 -8.36 -21.20
CA ILE A 248 -1.45 -8.62 -22.13
C ILE A 248 -1.05 -7.32 -22.81
N GLN A 249 -2.02 -6.51 -23.19
CA GLN A 249 -1.69 -5.25 -23.83
C GLN A 249 -1.05 -4.29 -22.83
N ILE A 250 -1.54 -4.29 -21.58
CA ILE A 250 -0.92 -3.48 -20.54
C ILE A 250 0.55 -3.85 -20.38
N TYR A 251 0.85 -5.15 -20.34
CA TYR A 251 2.23 -5.58 -20.14
C TYR A 251 3.11 -5.22 -21.33
N GLU A 252 2.56 -5.32 -22.55
CA GLU A 252 3.30 -4.89 -23.73
C GLU A 252 3.71 -3.42 -23.62
N LYS A 253 2.78 -2.54 -23.20
CA LYS A 253 3.11 -1.14 -23.00
C LYS A 253 4.21 -0.95 -21.96
N ILE A 254 3.98 -1.47 -20.74
CA ILE A 254 4.98 -1.38 -19.67
C ILE A 254 6.35 -1.77 -20.17
N VAL A 255 6.44 -2.90 -20.86
CA VAL A 255 7.74 -3.45 -21.25
C VAL A 255 8.40 -2.62 -22.35
N SER A 256 7.61 -1.85 -23.11
CA SER A 256 8.10 -1.20 -24.31
C SER A 256 9.06 -0.05 -24.03
N GLY A 257 9.05 0.51 -22.83
CA GLY A 257 9.85 1.71 -22.58
C GLY A 257 9.28 2.95 -23.25
N LYS A 258 7.95 3.06 -23.30
CA LYS A 258 7.26 4.11 -24.04
C LYS A 258 6.20 4.72 -23.14
N VAL A 259 6.30 6.02 -22.90
CA VAL A 259 5.36 6.74 -22.06
C VAL A 259 5.08 8.11 -22.67
N ARG A 260 3.80 8.42 -22.89
CA ARG A 260 3.41 9.75 -23.31
C ARG A 260 2.86 10.51 -22.11
N PHE A 261 3.19 11.80 -22.02
CA PHE A 261 2.81 12.69 -20.93
C PHE A 261 1.78 13.70 -21.37
N PRO A 262 0.75 13.95 -20.55
CA PRO A 262 -0.13 15.09 -20.78
C PRO A 262 0.69 16.36 -20.96
N SER A 263 0.26 17.20 -21.93
CA SER A 263 0.95 18.47 -22.12
C SER A 263 0.86 19.34 -20.89
N HIS A 264 -0.15 19.14 -20.04
CA HIS A 264 -0.27 19.99 -18.86
C HIS A 264 0.74 19.65 -17.77
N PHE A 265 1.43 18.51 -17.88
CA PHE A 265 2.52 18.20 -16.95
C PHE A 265 3.61 19.26 -17.05
N SER A 266 4.19 19.62 -15.91
CA SER A 266 5.38 20.45 -15.90
C SER A 266 6.57 19.69 -16.50
N SER A 267 7.52 20.45 -17.06
CA SER A 267 8.75 19.81 -17.54
C SER A 267 9.48 19.08 -16.41
N ASP A 268 9.48 19.65 -15.20
CA ASP A 268 10.08 18.96 -14.06
C ASP A 268 9.39 17.65 -13.76
N LEU A 269 8.05 17.62 -13.82
CA LEU A 269 7.34 16.38 -13.59
C LEU A 269 7.67 15.34 -14.65
N LYS A 270 7.71 15.76 -15.93
CA LYS A 270 8.07 14.81 -16.99
C LYS A 270 9.46 14.23 -16.77
N ASP A 271 10.43 15.06 -16.36
CA ASP A 271 11.79 14.57 -16.17
C ASP A 271 11.87 13.56 -15.03
N LEU A 272 11.21 13.85 -13.90
CA LEU A 272 11.20 12.89 -12.80
C LEU A 272 10.54 11.57 -13.21
N LEU A 273 9.44 11.64 -13.97
CA LEU A 273 8.74 10.42 -14.37
C LEU A 273 9.60 9.58 -15.33
N ARG A 274 10.29 10.22 -16.26
CA ARG A 274 11.16 9.47 -17.14
C ARG A 274 12.23 8.72 -16.37
N ASN A 275 12.71 9.28 -15.27
CA ASN A 275 13.76 8.63 -14.50
C ASN A 275 13.24 7.54 -13.56
N LEU A 276 11.97 7.62 -13.12
CA LEU A 276 11.35 6.54 -12.35
C LEU A 276 10.77 5.46 -13.25
N LEU A 277 10.14 5.84 -14.37
CA LEU A 277 9.61 4.91 -15.37
C LEU A 277 10.68 4.48 -16.36
N GLN A 278 11.89 4.34 -15.85
CA GLN A 278 13.05 3.90 -16.61
C GLN A 278 13.06 2.38 -16.60
N VAL A 279 12.91 1.75 -17.77
CA VAL A 279 12.90 0.29 -17.76
C VAL A 279 14.30 -0.25 -17.52
N ASP A 280 15.34 0.49 -17.89
CA ASP A 280 16.71 0.07 -17.61
C ASP A 280 17.03 0.31 -16.13
N LEU A 281 17.29 -0.75 -15.38
CA LEU A 281 17.57 -0.60 -13.95
C LEU A 281 18.88 0.12 -13.67
N THR A 282 19.83 0.08 -14.61
CA THR A 282 21.04 0.90 -14.58
C THR A 282 20.73 2.39 -14.48
N LYS A 283 19.51 2.80 -14.84
CA LYS A 283 19.17 4.21 -14.90
C LYS A 283 17.99 4.63 -14.03
N ARG A 284 17.27 3.69 -13.41
CA ARG A 284 16.03 4.05 -12.72
C ARG A 284 16.33 4.77 -11.40
N PHE A 285 15.70 5.92 -11.19
CA PHE A 285 15.93 6.67 -9.96
C PHE A 285 15.47 5.86 -8.77
N GLY A 286 16.18 6.02 -7.66
CA GLY A 286 15.98 5.21 -6.50
C GLY A 286 16.86 3.98 -6.44
N ASN A 287 17.40 3.56 -7.58
CA ASN A 287 18.26 2.39 -7.70
C ASN A 287 19.70 2.74 -8.06
N LEU A 288 20.06 4.02 -8.14
CA LEU A 288 21.40 4.41 -8.54
C LEU A 288 22.28 4.51 -7.30
N LYS A 289 23.50 5.04 -7.48
CA LYS A 289 24.48 5.05 -6.38
C LYS A 289 23.96 5.85 -5.19
N ASN A 290 23.29 6.97 -5.44
CA ASN A 290 22.81 7.82 -4.38
C ASN A 290 21.45 7.40 -3.84
N GLY A 291 20.90 6.30 -4.35
CA GLY A 291 19.69 5.76 -3.77
C GLY A 291 18.51 6.71 -3.85
N VAL A 292 17.78 6.83 -2.73
CA VAL A 292 16.59 7.65 -2.68
C VAL A 292 16.91 9.15 -2.80
N ASN A 293 18.17 9.54 -2.58
CA ASN A 293 18.52 10.97 -2.63
C ASN A 293 18.35 11.57 -4.01
N ASP A 294 18.50 10.76 -5.08
CA ASP A 294 18.27 11.28 -6.42
C ASP A 294 16.82 11.75 -6.59
N ILE A 295 15.88 11.07 -5.92
CA ILE A 295 14.48 11.48 -5.95
C ILE A 295 14.27 12.71 -5.07
N LYS A 296 14.81 12.67 -3.85
CA LYS A 296 14.61 13.77 -2.90
C LYS A 296 15.19 15.07 -3.44
N ASN A 297 16.32 14.98 -4.16
CA ASN A 297 17.03 16.13 -4.69
C ASN A 297 16.49 16.60 -6.05
N HIS A 298 15.59 15.85 -6.68
CA HIS A 298 15.07 16.24 -7.99
C HIS A 298 14.33 17.57 -7.91
N LYS A 299 14.42 18.34 -9.01
CA LYS A 299 13.84 19.68 -9.05
C LYS A 299 12.33 19.67 -8.82
N TRP A 300 11.64 18.60 -9.20
CA TRP A 300 10.21 18.56 -8.92
C TRP A 300 9.93 18.66 -7.43
N PHE A 301 10.86 18.22 -6.58
CA PHE A 301 10.67 18.25 -5.13
C PHE A 301 11.34 19.43 -4.44
N ALA A 302 11.85 20.42 -5.19
CA ALA A 302 12.70 21.45 -4.60
C ALA A 302 11.98 22.23 -3.50
N THR A 303 10.67 22.38 -3.60
CA THR A 303 9.91 23.09 -2.58
C THR A 303 9.44 22.19 -1.44
N THR A 304 9.81 20.92 -1.42
CA THR A 304 9.33 19.99 -0.40
C THR A 304 10.22 20.08 0.84
N ASP A 305 9.61 20.42 1.98
CA ASP A 305 10.28 20.30 3.29
C ASP A 305 10.10 18.88 3.81
N TRP A 306 11.14 18.07 3.64
CA TRP A 306 11.04 16.63 3.93
C TRP A 306 10.81 16.37 5.41
N ILE A 307 11.47 17.15 6.28
CA ILE A 307 11.31 16.96 7.71
C ILE A 307 9.92 17.40 8.15
N ALA A 308 9.44 18.50 7.60
CA ALA A 308 8.08 18.96 7.93
C ALA A 308 7.03 17.93 7.51
N ILE A 309 7.23 17.27 6.35
CA ILE A 309 6.28 16.23 5.93
C ILE A 309 6.29 15.08 6.93
N TYR A 310 7.49 14.61 7.29
CA TYR A 310 7.60 13.53 8.27
C TYR A 310 6.95 13.92 9.59
N GLN A 311 7.16 15.15 10.05
CA GLN A 311 6.56 15.60 11.31
C GLN A 311 5.09 15.90 11.18
N ARG A 312 4.55 15.81 9.97
CA ARG A 312 3.13 16.03 9.70
C ARG A 312 2.73 17.47 9.99
N LYS A 313 3.67 18.40 9.81
CA LYS A 313 3.40 19.81 10.08
C LYS A 313 2.90 20.55 8.85
N VAL A 314 2.97 19.96 7.66
CA VAL A 314 2.48 20.63 6.45
C VAL A 314 0.96 20.59 6.41
N GLU A 315 0.34 21.71 6.05
CA GLU A 315 -1.11 21.73 5.90
C GLU A 315 -1.48 20.93 4.66
N ALA A 316 -2.35 19.93 4.84
CA ALA A 316 -2.73 19.07 3.73
C ALA A 316 -3.59 19.85 2.73
N PRO A 317 -3.49 19.52 1.45
CA PRO A 317 -4.27 20.26 0.44
C PRO A 317 -5.75 19.91 0.47
N PHE A 318 -6.12 18.86 1.19
CA PHE A 318 -7.46 18.31 1.11
C PHE A 318 -7.68 17.48 2.36
N ILE A 319 -8.71 17.79 3.13
CA ILE A 319 -9.05 16.98 4.29
C ILE A 319 -10.45 16.40 4.09
N PRO A 320 -10.61 15.09 4.07
CA PRO A 320 -11.94 14.50 3.96
C PRO A 320 -12.79 14.86 5.17
N LYS A 321 -14.09 14.84 4.97
CA LYS A 321 -15.04 15.13 6.03
C LYS A 321 -15.60 13.84 6.60
N PHE A 322 -15.79 13.80 7.91
CA PHE A 322 -16.46 12.70 8.61
C PHE A 322 -17.42 13.23 9.65
N LYS A 323 -18.50 12.47 9.87
CA LYS A 323 -19.53 12.79 10.84
C LYS A 323 -19.39 11.87 12.05
N GLY A 324 -18.29 12.02 12.77
CA GLY A 324 -18.08 11.24 13.97
C GLY A 324 -17.47 9.87 13.70
N PRO A 325 -17.19 9.14 14.77
CA PRO A 325 -16.45 7.88 14.62
C PRO A 325 -17.32 6.84 13.92
N GLY A 326 -16.66 5.91 13.25
CA GLY A 326 -17.42 4.92 12.52
C GLY A 326 -18.20 5.42 11.32
N ASP A 327 -18.05 6.69 10.93
CA ASP A 327 -18.68 7.13 9.68
C ASP A 327 -17.96 6.52 8.48
N THR A 328 -18.73 6.09 7.49
CA THR A 328 -18.19 5.36 6.34
C THR A 328 -18.50 6.04 5.00
N SER A 329 -18.96 7.28 5.03
CA SER A 329 -19.38 7.97 3.81
C SER A 329 -18.28 8.06 2.77
N ASN A 330 -17.02 7.95 3.18
CA ASN A 330 -15.91 8.09 2.24
C ASN A 330 -15.57 6.80 1.51
N PHE A 331 -16.37 5.74 1.72
CA PHE A 331 -16.15 4.43 1.13
C PHE A 331 -17.35 4.04 0.26
N ASP A 332 -17.07 3.35 -0.83
CA ASP A 332 -18.11 2.72 -1.62
C ASP A 332 -18.91 1.73 -0.77
N ASP A 333 -20.11 1.41 -1.25
CA ASP A 333 -20.92 0.39 -0.60
C ASP A 333 -20.65 -0.95 -1.26
N TYR A 334 -20.66 -2.01 -0.45
CA TYR A 334 -20.38 -3.35 -0.92
C TYR A 334 -21.50 -4.29 -0.50
N GLU A 335 -21.68 -5.36 -1.28
CA GLU A 335 -22.62 -6.41 -0.91
C GLU A 335 -22.14 -7.09 0.36
N GLU A 336 -22.98 -7.07 1.39
CA GLU A 336 -22.60 -7.72 2.65
C GLU A 336 -22.90 -9.21 2.58
N GLU A 337 -22.27 -9.96 3.48
CA GLU A 337 -22.54 -11.39 3.52
C GLU A 337 -22.17 -11.93 4.89
N GLU A 338 -22.73 -13.09 5.20
CA GLU A 338 -22.40 -13.79 6.44
C GLU A 338 -20.93 -14.19 6.44
N ILE A 339 -20.29 -14.04 7.60
CA ILE A 339 -18.90 -14.46 7.77
C ILE A 339 -18.89 -15.92 8.19
N ARG A 340 -18.38 -16.78 7.31
CA ARG A 340 -18.48 -18.23 7.47
C ARG A 340 -17.36 -18.73 8.37
N VAL A 341 -17.70 -19.19 9.58
CA VAL A 341 -16.70 -19.80 10.45
C VAL A 341 -17.06 -21.26 10.81
N SEP A 342 -16.25 -22.20 10.33
CA SEP A 342 -16.56 -23.62 10.45
CB SEP A 342 -15.56 -24.44 9.63
OG SEP A 342 -15.73 -25.83 9.84
C SEP A 342 -16.57 -24.15 11.90
O SEP A 342 -16.04 -23.50 12.81
P SEP A 342 -16.95 -26.41 8.97
O1P SEP A 342 -18.28 -26.44 9.90
O2P SEP A 342 -17.22 -25.47 7.70
O3P SEP A 342 -16.59 -27.91 8.50
N ILE A 343 -17.20 -25.29 12.09
CA ILE A 343 -17.28 -25.94 13.41
C ILE A 343 -15.95 -26.68 13.62
N ASN A 344 -15.28 -26.96 12.52
CA ASN A 344 -14.00 -27.64 12.52
C ASN A 344 -12.88 -26.70 12.13
N GLU A 345 -11.76 -26.81 12.85
CA GLU A 345 -10.55 -26.08 12.49
C GLU A 345 -10.05 -26.49 11.12
N LYS A 346 -9.68 -25.50 10.31
CA LYS A 346 -9.16 -25.72 8.99
C LYS A 346 -7.73 -25.23 8.92
N CYS A 347 -6.86 -26.03 8.28
CA CYS A 347 -5.50 -25.63 7.96
C CYS A 347 -4.73 -25.17 9.21
N GLY A 348 -4.89 -25.93 10.29
CA GLY A 348 -4.24 -25.56 11.54
C GLY A 348 -2.73 -25.53 11.43
N LYS A 349 -2.14 -26.59 10.87
CA LYS A 349 -0.68 -26.65 10.77
C LYS A 349 -0.13 -25.53 9.90
N GLU A 350 -0.81 -25.23 8.80
CA GLU A 350 -0.26 -24.26 7.85
C GLU A 350 -0.10 -22.87 8.45
N PHE A 351 -0.86 -22.55 9.49
CA PHE A 351 -0.92 -21.20 10.05
C PHE A 351 -0.52 -21.14 11.51
N THR A 352 0.28 -22.11 11.98
CA THR A 352 0.71 -22.13 13.38
C THR A 352 1.42 -20.83 13.78
N GLU A 353 2.21 -20.25 12.87
CA GLU A 353 3.00 -19.06 13.15
C GLU A 353 2.19 -17.77 13.08
N PHE A 354 0.90 -17.83 12.78
CA PHE A 354 0.07 -16.62 12.70
C PHE A 354 -0.49 -16.26 14.08
N THR B 1 -22.15 11.44 -11.24
CA THR B 1 -21.06 10.66 -10.65
C THR B 1 -20.14 10.12 -11.77
N ARG B 2 -18.86 9.95 -11.45
CA ARG B 2 -17.87 9.48 -12.41
C ARG B 2 -17.52 8.03 -12.11
N SER B 3 -17.22 7.28 -13.18
CA SER B 3 -16.85 5.89 -12.99
C SER B 3 -15.61 5.81 -12.11
N ALA B 4 -15.53 4.74 -11.34
CA ALA B 4 -14.40 4.50 -10.44
C ALA B 4 -14.29 2.99 -10.25
N ILE B 5 -13.57 2.33 -11.15
CA ILE B 5 -13.42 0.88 -11.09
C ILE B 5 -12.10 0.54 -10.42
N ARG B 6 -12.19 0.01 -9.20
CA ARG B 6 -11.01 -0.38 -8.43
C ARG B 6 -10.29 -1.53 -9.13
N ARG B 7 -8.96 -1.59 -8.95
CA ARG B 7 -8.14 -2.62 -9.58
C ARG B 7 -7.63 -3.59 -8.53
N ALA B 8 -7.90 -4.86 -8.73
CA ALA B 8 -7.49 -5.89 -7.79
C ALA B 8 -6.05 -6.30 -8.04
N SER B 9 -5.36 -6.65 -6.97
CA SER B 9 -4.05 -7.25 -7.10
C SER B 9 -4.15 -8.50 -7.97
N THR B 10 -3.00 -8.92 -8.49
CA THR B 10 -2.93 -10.18 -9.23
C THR B 10 -1.75 -11.00 -8.73
N ILE B 11 -1.94 -12.32 -8.76
CA ILE B 11 -0.87 -13.29 -8.55
C ILE B 11 -0.80 -14.22 -9.76
N GLU B 12 0.06 -15.23 -9.68
CA GLU B 12 0.35 -16.07 -10.85
C GLU B 12 -0.90 -16.66 -11.53
PG ANP C . -6.10 -6.08 -3.16
O1G ANP C . -5.54 -4.73 -3.58
O2G ANP C . -4.84 -7.00 -2.87
O3G ANP C . -6.91 -6.67 -4.36
PB ANP C . -6.78 -6.81 -0.44
O1B ANP C . -5.31 -7.16 -0.33
O2B ANP C . -7.61 -8.12 -0.48
N3B ANP C . -7.11 -5.87 -1.81
PA ANP C . -6.78 -4.54 1.21
O1A ANP C . -5.77 -4.63 2.30
O2A ANP C . -6.31 -3.78 -0.04
O3A ANP C . -7.26 -6.03 0.83
O5' ANP C . -8.07 -3.84 1.81
C5' ANP C . -9.26 -3.71 0.97
C4' ANP C . -9.79 -2.30 1.09
O4' ANP C . -10.25 -2.06 2.45
C3' ANP C . -8.79 -1.18 0.84
O3' ANP C . -8.61 -0.90 -0.55
C2' ANP C . -9.44 -0.01 1.57
O2' ANP C . -10.56 0.51 0.87
C1' ANP C . -10.00 -0.72 2.82
N9 ANP C . -9.10 -0.70 3.96
C8 ANP C . -7.99 -1.48 4.17
N7 ANP C . -7.37 -1.25 5.30
C5 ANP C . -8.12 -0.22 5.88
C6 ANP C . -7.99 0.48 7.09
N6 ANP C . -7.03 0.26 7.99
N1 ANP C . -8.91 1.45 7.37
C2 ANP C . -9.89 1.67 6.48
N3 ANP C . -10.12 1.06 5.31
C4 ANP C . -9.19 0.12 5.06
MG MG D . -3.48 -7.05 -1.27
MG MG E . -5.47 -3.53 -1.83
#